data_2I1Q
#
_entry.id   2I1Q
#
_cell.length_a   84.200
_cell.length_b   84.200
_cell.length_c   104.700
_cell.angle_alpha   90.00
_cell.angle_beta   90.00
_cell.angle_gamma   120.00
#
_symmetry.space_group_name_H-M   'P 61'
#
loop_
_entity.id
_entity.type
_entity.pdbx_description
1 polymer 'DNA repair and recombination protein radA'
2 non-polymer 'MAGNESIUM ION'
3 non-polymer 'CALCIUM ION'
4 non-polymer 'SODIUM ION'
5 non-polymer 'PHOSPHOAMINOPHOSPHONIC ACID-ADENYLATE ESTER'
6 water water
#
_entity_poly.entity_id   1
_entity_poly.type   'polypeptide(L)'
_entity_poly.pdbx_seq_one_letter_code
;MGDNLTDLPGVGPSTAEKLVEAGYIDFMKIATATVGELTDIEGISEKAAAKMIMGARDLCDLGFKSGIDLLKQRSTVWKL
STSSSELDSVLGGGLESQSVTEFAGVFGSGKTQIMHQSCVNLQNPEFLFYDEEAVSKGEVAQPKAVYIDTEGTFRPERIM
QMAEHAGIDGQTVLDNTFVARAYNSDMQMLFAEKIEDLIQEGNNIKLVVIDSLTSTFRNEYTGRGKLAERQQKLGRHMAT
LNKLADLFNCVVLVTNQVSAKPDAFFGMAEQAIGGHIVGHAATFRFFVRKGKGDKRVAKLYDSPHLPDAEAIFRITEKGI
QD
;
_entity_poly.pdbx_strand_id   A
#
loop_
_chem_comp.id
_chem_comp.type
_chem_comp.name
_chem_comp.formula
ANP non-polymer 'PHOSPHOAMINOPHOSPHONIC ACID-ADENYLATE ESTER' 'C10 H17 N6 O12 P3'
CA non-polymer 'CALCIUM ION' 'Ca 2'
MG non-polymer 'MAGNESIUM ION' 'Mg 2'
NA non-polymer 'SODIUM ION' 'Na 1'
#
# COMPACT_ATOMS: atom_id res chain seq x y z
N LEU A 5 -25.63 6.20 -2.21
CA LEU A 5 -25.38 7.55 -1.72
C LEU A 5 -26.63 8.27 -1.22
N THR A 6 -27.79 8.02 -1.85
CA THR A 6 -29.01 8.69 -1.41
C THR A 6 -29.45 8.24 -0.02
N ASP A 7 -28.80 7.22 0.52
CA ASP A 7 -29.13 6.76 1.87
C ASP A 7 -28.67 7.83 2.85
N LEU A 8 -27.73 8.66 2.42
CA LEU A 8 -27.17 9.71 3.27
C LEU A 8 -28.10 10.90 3.45
N PRO A 9 -28.23 11.40 4.68
CA PRO A 9 -29.10 12.53 4.99
C PRO A 9 -28.77 13.77 4.16
N GLY A 10 -29.80 14.36 3.55
CA GLY A 10 -29.62 15.54 2.73
C GLY A 10 -29.28 15.22 1.28
N VAL A 11 -28.74 14.02 1.04
CA VAL A 11 -28.38 13.62 -0.31
C VAL A 11 -29.53 13.06 -1.12
N GLY A 12 -29.85 13.76 -2.21
CA GLY A 12 -30.91 13.34 -3.10
C GLY A 12 -30.28 12.82 -4.38
N PRO A 13 -31.09 12.40 -5.37
CA PRO A 13 -30.56 11.88 -6.63
C PRO A 13 -29.62 12.84 -7.37
N SER A 14 -29.92 14.14 -7.33
CA SER A 14 -29.09 15.11 -8.02
C SER A 14 -27.75 15.28 -7.31
N THR A 15 -27.77 15.37 -5.99
CA THR A 15 -26.53 15.52 -5.24
C THR A 15 -25.68 14.26 -5.39
N ALA A 16 -26.34 13.10 -5.42
CA ALA A 16 -25.64 11.83 -5.57
C ALA A 16 -24.85 11.85 -6.88
N GLU A 17 -25.44 12.43 -7.92
CA GLU A 17 -24.78 12.53 -9.21
C GLU A 17 -23.52 13.37 -9.12
N LYS A 18 -23.64 14.52 -8.47
CA LYS A 18 -22.51 15.43 -8.30
C LYS A 18 -21.38 14.72 -7.56
N LEU A 19 -21.73 13.97 -6.53
CA LEU A 19 -20.75 13.25 -5.74
C LEU A 19 -20.00 12.20 -6.55
N VAL A 20 -20.73 11.34 -7.26
CA VAL A 20 -20.09 10.32 -8.07
C VAL A 20 -19.17 10.96 -9.11
N GLU A 21 -19.65 12.02 -9.76
CA GLU A 21 -18.87 12.73 -10.76
C GLU A 21 -17.61 13.30 -10.15
N ALA A 22 -17.68 13.64 -8.86
CA ALA A 22 -16.56 14.21 -8.13
C ALA A 22 -15.61 13.14 -7.60
N GLY A 23 -16.01 11.88 -7.74
CA GLY A 23 -15.16 10.80 -7.27
C GLY A 23 -15.55 10.22 -5.92
N TYR A 24 -16.63 10.72 -5.34
CA TYR A 24 -17.09 10.23 -4.04
C TYR A 24 -18.26 9.26 -4.24
N ILE A 25 -17.96 7.97 -4.25
CA ILE A 25 -18.98 6.95 -4.44
C ILE A 25 -19.07 6.01 -3.25
N ASP A 26 -18.05 6.07 -2.39
CA ASP A 26 -17.98 5.20 -1.21
C ASP A 26 -18.34 5.98 0.06
N PHE A 27 -19.08 5.35 0.97
CA PHE A 27 -19.46 6.01 2.21
C PHE A 27 -18.24 6.40 3.03
N MET A 28 -17.22 5.54 3.04
CA MET A 28 -16.01 5.82 3.79
C MET A 28 -15.28 7.05 3.29
N LYS A 29 -15.22 7.23 1.98
CA LYS A 29 -14.53 8.40 1.44
C LYS A 29 -15.23 9.68 1.88
N ILE A 30 -16.56 9.62 1.97
CA ILE A 30 -17.34 10.78 2.39
C ILE A 30 -17.22 11.00 3.90
N ALA A 31 -17.24 9.91 4.65
CA ALA A 31 -17.13 9.99 6.10
C ALA A 31 -15.79 10.55 6.53
N THR A 32 -14.76 10.31 5.71
CA THR A 32 -13.41 10.79 6.01
C THR A 32 -13.03 12.03 5.23
N ALA A 33 -14.01 12.71 4.66
CA ALA A 33 -13.75 13.92 3.89
C ALA A 33 -13.91 15.17 4.75
N THR A 34 -13.46 16.30 4.22
CA THR A 34 -13.56 17.57 4.92
C THR A 34 -14.67 18.40 4.28
N VAL A 35 -15.31 19.25 5.06
CA VAL A 35 -16.37 20.09 4.53
C VAL A 35 -15.88 20.82 3.29
N GLY A 36 -14.63 21.27 3.35
CA GLY A 36 -14.05 22.00 2.24
C GLY A 36 -14.03 21.22 0.93
N GLU A 37 -13.40 20.05 0.95
CA GLU A 37 -13.30 19.24 -0.26
C GLU A 37 -14.66 18.90 -0.87
N LEU A 38 -15.69 18.80 -0.03
CA LEU A 38 -17.02 18.49 -0.54
C LEU A 38 -17.67 19.77 -1.07
N THR A 39 -17.42 20.89 -0.40
CA THR A 39 -17.97 22.17 -0.85
C THR A 39 -17.29 22.59 -2.14
N ASP A 40 -16.14 21.98 -2.42
CA ASP A 40 -15.41 22.27 -3.65
C ASP A 40 -16.22 21.73 -4.82
N ILE A 41 -17.23 20.92 -4.50
CA ILE A 41 -18.10 20.36 -5.51
C ILE A 41 -19.24 21.33 -5.75
N GLU A 42 -19.41 21.75 -7.00
CA GLU A 42 -20.44 22.71 -7.40
C GLU A 42 -21.53 23.01 -6.38
N GLY A 43 -22.72 22.45 -6.59
CA GLY A 43 -23.85 22.70 -5.72
C GLY A 43 -23.92 22.03 -4.36
N ILE A 44 -22.78 21.88 -3.69
CA ILE A 44 -22.78 21.27 -2.37
C ILE A 44 -22.42 22.30 -1.31
N SER A 45 -23.42 22.77 -0.59
CA SER A 45 -23.25 23.78 0.46
C SER A 45 -22.49 23.23 1.66
N GLU A 46 -22.12 24.12 2.56
CA GLU A 46 -21.39 23.75 3.77
C GLU A 46 -22.24 22.85 4.66
N LYS A 47 -23.49 23.23 4.87
CA LYS A 47 -24.39 22.46 5.71
C LYS A 47 -24.66 21.07 5.13
N ALA A 48 -24.87 21.00 3.81
CA ALA A 48 -25.13 19.71 3.18
C ALA A 48 -23.90 18.83 3.34
N ALA A 49 -22.72 19.40 3.08
CA ALA A 49 -21.47 18.66 3.21
C ALA A 49 -21.31 18.12 4.63
N ALA A 50 -21.48 19.00 5.61
CA ALA A 50 -21.34 18.62 7.00
C ALA A 50 -22.36 17.55 7.38
N LYS A 51 -23.58 17.68 6.86
CA LYS A 51 -24.63 16.73 7.17
C LYS A 51 -24.36 15.34 6.59
N MET A 52 -23.85 15.27 5.37
CA MET A 52 -23.59 13.96 4.76
C MET A 52 -22.36 13.30 5.37
N ILE A 53 -21.40 14.11 5.82
CA ILE A 53 -20.20 13.55 6.43
C ILE A 53 -20.60 12.88 7.73
N MET A 54 -21.37 13.60 8.55
CA MET A 54 -21.83 13.07 9.82
C MET A 54 -22.66 11.81 9.58
N GLY A 55 -23.49 11.86 8.53
CA GLY A 55 -24.32 10.71 8.20
C GLY A 55 -23.50 9.51 7.76
N ALA A 56 -22.44 9.75 6.98
CA ALA A 56 -21.59 8.67 6.51
C ALA A 56 -20.84 8.04 7.68
N ARG A 57 -20.38 8.87 8.61
CA ARG A 57 -19.67 8.37 9.78
C ARG A 57 -20.60 7.44 10.56
N ASP A 58 -21.84 7.88 10.73
CA ASP A 58 -22.83 7.10 11.46
C ASP A 58 -23.11 5.76 10.77
N LEU A 59 -23.36 5.80 9.46
CA LEU A 59 -23.64 4.57 8.71
C LEU A 59 -22.45 3.63 8.77
N CYS A 60 -21.25 4.19 8.77
CA CYS A 60 -20.04 3.38 8.83
C CYS A 60 -19.70 3.08 10.29
N ASP A 61 -20.49 3.64 11.20
CA ASP A 61 -20.30 3.44 12.63
C ASP A 61 -18.88 3.78 13.08
N LEU A 62 -18.47 5.01 12.84
CA LEU A 62 -17.13 5.46 13.21
C LEU A 62 -17.12 6.19 14.55
N GLY A 63 -17.46 5.49 15.62
CA GLY A 63 -17.48 6.10 16.94
C GLY A 63 -16.47 5.44 17.86
N PHE A 64 -16.69 5.55 19.17
CA PHE A 64 -15.78 4.93 20.13
C PHE A 64 -16.06 3.44 20.18
N LYS A 65 -15.01 2.64 20.21
CA LYS A 65 -15.15 1.19 20.27
C LYS A 65 -14.35 0.69 21.47
N SER A 66 -14.77 -0.45 22.03
CA SER A 66 -14.06 -1.02 23.16
C SER A 66 -14.34 -2.51 23.25
N GLY A 67 -13.66 -3.16 24.19
CA GLY A 67 -13.84 -4.59 24.38
C GLY A 67 -13.54 -5.41 23.15
N ILE A 68 -14.36 -6.43 22.92
CA ILE A 68 -14.20 -7.33 21.79
C ILE A 68 -14.20 -6.62 20.44
N ASP A 69 -14.89 -5.48 20.37
CA ASP A 69 -14.95 -4.73 19.12
C ASP A 69 -13.57 -4.29 18.64
N LEU A 70 -12.64 -4.13 19.57
CA LEU A 70 -11.29 -3.72 19.22
C LEU A 70 -10.58 -4.87 18.48
N LEU A 71 -10.90 -6.10 18.88
CA LEU A 71 -10.31 -7.27 18.25
C LEU A 71 -10.91 -7.47 16.87
N LYS A 72 -12.20 -7.17 16.75
CA LYS A 72 -12.89 -7.33 15.48
C LYS A 72 -12.33 -6.37 14.43
N GLN A 73 -11.94 -5.17 14.86
CA GLN A 73 -11.38 -4.22 13.93
C GLN A 73 -10.03 -4.74 13.42
N ARG A 74 -9.23 -5.25 14.34
CA ARG A 74 -7.91 -5.78 14.02
C ARG A 74 -8.01 -7.01 13.12
N SER A 75 -9.14 -7.72 13.18
CA SER A 75 -9.36 -8.91 12.37
C SER A 75 -9.65 -8.63 10.90
N THR A 76 -9.89 -7.36 10.55
CA THR A 76 -10.15 -7.03 9.15
C THR A 76 -8.85 -6.93 8.38
N VAL A 77 -7.73 -7.04 9.09
CA VAL A 77 -6.42 -7.00 8.46
C VAL A 77 -6.08 -8.38 7.90
N TRP A 78 -5.80 -8.46 6.60
CA TRP A 78 -5.42 -9.74 6.02
C TRP A 78 -3.93 -9.59 5.70
N LYS A 79 -3.23 -10.70 5.50
CA LYS A 79 -1.80 -10.61 5.24
C LYS A 79 -1.35 -11.43 4.03
N LEU A 80 -0.36 -10.89 3.31
CA LEU A 80 0.17 -11.54 2.11
C LEU A 80 1.49 -12.24 2.41
N SER A 81 1.58 -13.51 2.03
CA SER A 81 2.80 -14.28 2.24
C SER A 81 3.92 -13.76 1.35
N THR A 82 5.14 -13.84 1.86
CA THR A 82 6.32 -13.39 1.12
C THR A 82 7.04 -14.56 0.46
N SER A 83 6.53 -15.77 0.70
CA SER A 83 7.12 -17.01 0.19
C SER A 83 8.30 -17.44 1.06
N SER A 84 8.60 -16.63 2.07
CA SER A 84 9.67 -16.94 3.01
C SER A 84 9.04 -17.24 4.36
N SER A 85 9.30 -18.43 4.89
CA SER A 85 8.76 -18.83 6.19
C SER A 85 9.22 -17.91 7.31
N GLU A 86 10.52 -17.66 7.36
CA GLU A 86 11.07 -16.81 8.41
C GLU A 86 10.58 -15.37 8.32
N LEU A 87 10.50 -14.83 7.10
CA LEU A 87 10.03 -13.45 6.93
C LEU A 87 8.55 -13.36 7.32
N ASP A 88 7.74 -14.32 6.87
CA ASP A 88 6.33 -14.30 7.24
C ASP A 88 6.20 -14.31 8.75
N SER A 89 7.10 -15.03 9.42
CA SER A 89 7.07 -15.11 10.88
C SER A 89 7.42 -13.78 11.53
N VAL A 90 8.49 -13.15 11.06
CA VAL A 90 8.92 -11.86 11.61
C VAL A 90 7.84 -10.81 11.39
N LEU A 91 7.05 -10.99 10.33
CA LEU A 91 5.96 -10.09 9.98
C LEU A 91 4.71 -10.35 10.81
N GLY A 92 4.74 -11.41 11.61
CA GLY A 92 3.58 -11.74 12.42
C GLY A 92 2.53 -12.46 11.59
N GLY A 93 2.95 -13.02 10.46
CA GLY A 93 2.04 -13.75 9.59
C GLY A 93 2.25 -13.47 8.12
N GLY A 94 2.54 -12.20 7.80
CA GLY A 94 2.75 -11.80 6.43
C GLY A 94 2.60 -10.30 6.28
N LEU A 95 2.68 -9.80 5.05
CA LEU A 95 2.55 -8.37 4.78
C LEU A 95 1.12 -7.93 5.11
N GLU A 96 0.99 -6.95 6.00
CA GLU A 96 -0.33 -6.47 6.44
C GLU A 96 -1.07 -5.48 5.55
N SER A 97 -2.36 -5.73 5.37
CA SER A 97 -3.19 -4.82 4.63
C SER A 97 -3.41 -3.68 5.62
N GLN A 98 -3.84 -2.52 5.15
CA GLN A 98 -4.08 -1.36 6.01
C GLN A 98 -2.82 -0.79 6.65
N SER A 99 -1.67 -1.07 6.05
CA SER A 99 -0.39 -0.56 6.54
C SER A 99 0.60 -0.38 5.41
N VAL A 100 1.63 0.41 5.67
CA VAL A 100 2.69 0.63 4.69
C VAL A 100 3.93 -0.10 5.21
N THR A 101 4.46 -1.00 4.40
CA THR A 101 5.64 -1.75 4.80
C THR A 101 6.79 -1.36 3.89
N GLU A 102 7.87 -0.89 4.51
CA GLU A 102 9.03 -0.43 3.78
C GLU A 102 10.23 -1.36 3.82
N PHE A 103 10.78 -1.66 2.65
CA PHE A 103 11.97 -2.50 2.56
C PHE A 103 13.08 -1.62 2.04
N ALA A 104 14.04 -1.31 2.90
CA ALA A 104 15.19 -0.49 2.51
C ALA A 104 16.40 -1.41 2.49
N GLY A 105 17.43 -1.00 1.77
CA GLY A 105 18.62 -1.83 1.71
C GLY A 105 19.54 -1.45 0.58
N VAL A 106 20.79 -1.88 0.68
CA VAL A 106 21.81 -1.60 -0.32
C VAL A 106 21.39 -2.20 -1.66
N PHE A 107 22.06 -1.78 -2.72
CA PHE A 107 21.79 -2.27 -4.06
C PHE A 107 21.87 -3.80 -4.04
N GLY A 108 21.12 -4.44 -4.95
CA GLY A 108 21.15 -5.89 -5.05
C GLY A 108 20.70 -6.67 -3.83
N SER A 109 20.10 -6.01 -2.85
CA SER A 109 19.65 -6.71 -1.65
C SER A 109 18.36 -7.50 -1.87
N GLY A 110 17.59 -7.14 -2.90
CA GLY A 110 16.36 -7.87 -3.18
C GLY A 110 15.06 -7.11 -3.03
N LYS A 111 15.13 -5.79 -2.88
CA LYS A 111 13.94 -4.98 -2.72
C LYS A 111 12.97 -5.16 -3.89
N THR A 112 13.47 -4.98 -5.09
CA THR A 112 12.64 -5.13 -6.28
C THR A 112 12.13 -6.56 -6.44
N GLN A 113 12.94 -7.53 -6.02
CA GLN A 113 12.54 -8.94 -6.09
C GLN A 113 11.31 -9.17 -5.21
N ILE A 114 11.32 -8.61 -4.00
CA ILE A 114 10.20 -8.76 -3.08
C ILE A 114 8.94 -8.13 -3.68
N MET A 115 9.10 -7.00 -4.37
CA MET A 115 7.94 -6.36 -4.97
C MET A 115 7.34 -7.28 -6.05
N HIS A 116 8.18 -7.85 -6.89
CA HIS A 116 7.70 -8.75 -7.94
C HIS A 116 7.06 -10.00 -7.35
N GLN A 117 7.68 -10.55 -6.32
CA GLN A 117 7.16 -11.76 -5.69
C GLN A 117 5.79 -11.50 -5.09
N SER A 118 5.59 -10.30 -4.55
CA SER A 118 4.31 -9.96 -3.94
C SER A 118 3.20 -9.91 -4.98
N CYS A 119 3.51 -9.38 -6.16
CA CYS A 119 2.52 -9.30 -7.23
C CYS A 119 2.14 -10.72 -7.66
N VAL A 120 3.12 -11.62 -7.67
CA VAL A 120 2.86 -13.00 -8.05
C VAL A 120 2.05 -13.71 -6.96
N ASN A 121 2.49 -13.55 -5.72
CA ASN A 121 1.81 -14.21 -4.60
C ASN A 121 0.36 -13.79 -4.43
N LEU A 122 0.05 -12.55 -4.80
CA LEU A 122 -1.30 -12.03 -4.71
C LEU A 122 -2.26 -12.92 -5.51
N GLN A 123 -1.75 -13.53 -6.57
CA GLN A 123 -2.58 -14.38 -7.43
C GLN A 123 -2.71 -15.82 -6.96
N ASN A 124 -2.18 -16.13 -5.77
CA ASN A 124 -2.31 -17.46 -5.21
C ASN A 124 -3.20 -17.27 -3.99
N PRO A 125 -4.50 -17.62 -4.10
CA PRO A 125 -5.50 -17.50 -3.03
C PRO A 125 -5.03 -17.97 -1.67
N GLU A 126 -4.26 -19.06 -1.65
CA GLU A 126 -3.76 -19.61 -0.41
C GLU A 126 -2.66 -18.77 0.23
N PHE A 127 -2.20 -17.73 -0.46
CA PHE A 127 -1.15 -16.88 0.09
C PHE A 127 -1.68 -15.64 0.80
N LEU A 128 -2.99 -15.47 0.80
CA LEU A 128 -3.63 -14.35 1.49
C LEU A 128 -4.22 -14.97 2.75
N PHE A 129 -3.69 -14.58 3.90
CA PHE A 129 -4.15 -15.10 5.18
C PHE A 129 -5.14 -14.16 5.84
N TYR A 130 -6.32 -14.67 6.16
CA TYR A 130 -7.32 -13.81 6.77
C TYR A 130 -8.35 -14.59 7.59
N ASP A 131 -9.09 -13.86 8.41
CA ASP A 131 -10.13 -14.42 9.26
C ASP A 131 -11.43 -14.32 8.46
N GLU A 132 -11.96 -15.45 8.02
CA GLU A 132 -13.18 -15.47 7.24
C GLU A 132 -14.35 -14.79 7.95
N GLU A 133 -14.27 -14.70 9.27
CA GLU A 133 -15.33 -14.07 10.06
C GLU A 133 -15.30 -12.54 9.93
N ALA A 134 -14.14 -12.00 9.58
CA ALA A 134 -13.99 -10.55 9.43
C ALA A 134 -13.70 -10.12 8.01
N VAL A 135 -13.22 -11.04 7.19
CA VAL A 135 -12.91 -10.76 5.80
C VAL A 135 -13.54 -11.86 4.93
N SER A 136 -14.47 -11.45 4.09
CA SER A 136 -15.17 -12.40 3.22
C SER A 136 -14.33 -12.78 2.01
N LYS A 137 -14.62 -13.95 1.44
CA LYS A 137 -13.91 -14.41 0.27
C LYS A 137 -14.11 -13.41 -0.86
N GLY A 138 -15.28 -12.79 -0.88
CA GLY A 138 -15.58 -11.82 -1.90
C GLY A 138 -14.71 -10.58 -1.83
N GLU A 139 -14.33 -10.17 -0.63
CA GLU A 139 -13.51 -8.98 -0.47
C GLU A 139 -12.12 -9.16 -1.09
N VAL A 140 -11.61 -10.38 -1.05
CA VAL A 140 -10.28 -10.64 -1.61
C VAL A 140 -10.32 -11.40 -2.92
N ALA A 141 -11.51 -11.48 -3.53
CA ALA A 141 -11.66 -12.18 -4.80
C ALA A 141 -11.19 -11.32 -5.96
N GLN A 142 -10.59 -11.96 -6.97
CA GLN A 142 -10.08 -11.27 -8.14
C GLN A 142 -9.17 -10.10 -7.74
N PRO A 143 -8.22 -10.36 -6.82
CA PRO A 143 -7.33 -9.29 -6.40
C PRO A 143 -6.40 -8.82 -7.52
N LYS A 144 -6.11 -7.53 -7.53
CA LYS A 144 -5.23 -6.96 -8.53
C LYS A 144 -4.16 -6.12 -7.82
N ALA A 145 -3.02 -5.98 -8.47
CA ALA A 145 -1.91 -5.22 -7.92
C ALA A 145 -1.61 -4.00 -8.77
N VAL A 146 -1.00 -3.00 -8.13
CA VAL A 146 -0.59 -1.78 -8.82
C VAL A 146 0.89 -1.63 -8.51
N TYR A 147 1.70 -1.56 -9.56
CA TYR A 147 3.14 -1.45 -9.40
C TYR A 147 3.60 -0.11 -9.97
N ILE A 148 3.90 0.85 -9.10
CA ILE A 148 4.37 2.14 -9.55
C ILE A 148 5.89 2.03 -9.63
N ASP A 149 6.38 1.86 -10.86
CA ASP A 149 7.78 1.68 -11.17
C ASP A 149 8.46 3.01 -11.40
N THR A 150 9.25 3.42 -10.42
CA THR A 150 9.95 4.68 -10.45
C THR A 150 11.38 4.56 -10.98
N GLU A 151 11.89 3.34 -11.05
CA GLU A 151 13.26 3.11 -11.51
C GLU A 151 13.36 2.37 -12.84
N GLY A 152 12.22 2.01 -13.41
CA GLY A 152 12.21 1.31 -14.68
C GLY A 152 12.72 -0.12 -14.60
N THR A 153 12.64 -0.72 -13.41
CA THR A 153 13.12 -2.08 -13.26
C THR A 153 12.03 -3.14 -13.18
N PHE A 154 10.81 -2.80 -13.61
CA PHE A 154 9.75 -3.81 -13.61
C PHE A 154 10.14 -4.78 -14.72
N ARG A 155 10.05 -6.07 -14.44
CA ARG A 155 10.44 -7.07 -15.44
C ARG A 155 9.39 -8.18 -15.59
N PRO A 156 8.63 -8.16 -16.69
CA PRO A 156 7.61 -9.17 -16.93
C PRO A 156 8.22 -10.57 -16.90
N GLU A 157 9.46 -10.69 -17.38
CA GLU A 157 10.15 -11.98 -17.41
C GLU A 157 10.25 -12.56 -16.01
N ARG A 158 10.56 -11.71 -15.05
CA ARG A 158 10.71 -12.15 -13.68
C ARG A 158 9.37 -12.58 -13.10
N ILE A 159 8.31 -11.88 -13.47
CA ILE A 159 6.97 -12.23 -13.00
C ILE A 159 6.65 -13.64 -13.50
N MET A 160 6.85 -13.85 -14.81
CA MET A 160 6.57 -15.15 -15.42
C MET A 160 7.35 -16.28 -14.76
N GLN A 161 8.63 -16.05 -14.51
CA GLN A 161 9.49 -17.04 -13.88
C GLN A 161 9.04 -17.36 -12.46
N MET A 162 8.80 -16.32 -11.66
CA MET A 162 8.35 -16.55 -10.29
C MET A 162 7.01 -17.27 -10.29
N ALA A 163 6.11 -16.87 -11.19
CA ALA A 163 4.80 -17.49 -11.28
C ALA A 163 4.95 -18.98 -11.58
N GLU A 164 5.78 -19.29 -12.57
CA GLU A 164 6.01 -20.68 -12.96
C GLU A 164 6.43 -21.55 -11.78
N HIS A 165 7.45 -21.11 -11.05
CA HIS A 165 7.94 -21.90 -9.93
C HIS A 165 6.94 -22.00 -8.78
N ALA A 166 5.98 -21.09 -8.73
CA ALA A 166 4.97 -21.11 -7.67
C ALA A 166 3.79 -21.96 -8.09
N GLY A 167 3.82 -22.43 -9.34
CA GLY A 167 2.74 -23.24 -9.86
C GLY A 167 1.57 -22.39 -10.32
N ILE A 168 1.81 -21.09 -10.43
CA ILE A 168 0.80 -20.13 -10.84
C ILE A 168 0.98 -19.82 -12.33
N ASP A 169 -0.07 -19.32 -12.97
CA ASP A 169 0.01 -18.97 -14.39
C ASP A 169 0.58 -17.55 -14.51
N GLY A 170 1.73 -17.44 -15.17
CA GLY A 170 2.37 -16.15 -15.35
C GLY A 170 1.52 -15.08 -16.00
N GLN A 171 0.89 -15.42 -17.11
CA GLN A 171 0.06 -14.45 -17.82
C GLN A 171 -1.06 -13.89 -16.94
N THR A 172 -1.57 -14.72 -16.03
CA THR A 172 -2.65 -14.30 -15.13
C THR A 172 -2.15 -13.19 -14.20
N VAL A 173 -0.89 -13.30 -13.78
CA VAL A 173 -0.32 -12.29 -12.90
C VAL A 173 -0.21 -10.98 -13.69
N LEU A 174 0.31 -11.06 -14.90
CA LEU A 174 0.45 -9.87 -15.74
C LEU A 174 -0.91 -9.24 -16.02
N ASP A 175 -1.92 -10.06 -16.27
CA ASP A 175 -3.26 -9.56 -16.56
C ASP A 175 -3.90 -8.87 -15.37
N ASN A 176 -3.44 -9.20 -14.16
CA ASN A 176 -4.02 -8.62 -12.96
C ASN A 176 -3.06 -7.71 -12.19
N THR A 177 -2.05 -7.20 -12.89
CA THR A 177 -1.08 -6.30 -12.30
C THR A 177 -0.98 -5.06 -13.17
N PHE A 178 -1.27 -3.89 -12.59
CA PHE A 178 -1.17 -2.65 -13.34
C PHE A 178 0.18 -2.04 -13.03
N VAL A 179 0.92 -1.67 -14.07
CA VAL A 179 2.23 -1.06 -13.88
C VAL A 179 2.20 0.35 -14.43
N ALA A 180 2.70 1.29 -13.66
CA ALA A 180 2.74 2.68 -14.09
C ALA A 180 4.18 3.16 -13.95
N ARG A 181 4.80 3.48 -15.08
CA ARG A 181 6.18 3.95 -15.07
C ARG A 181 6.20 5.45 -14.79
N ALA A 182 6.73 5.81 -13.63
CA ALA A 182 6.84 7.20 -13.21
C ALA A 182 8.27 7.68 -13.46
N TYR A 183 8.42 8.82 -14.13
CA TYR A 183 9.74 9.35 -14.43
C TYR A 183 10.20 10.44 -13.46
N ASN A 184 9.31 10.85 -12.56
CA ASN A 184 9.63 11.87 -11.56
C ASN A 184 8.63 11.78 -10.42
N SER A 185 8.83 12.58 -9.37
CA SER A 185 7.94 12.52 -8.21
C SER A 185 6.51 12.95 -8.50
N ASP A 186 6.32 13.86 -9.45
CA ASP A 186 4.97 14.30 -9.79
C ASP A 186 4.14 13.16 -10.36
N MET A 187 4.72 12.40 -11.30
CA MET A 187 4.02 11.26 -11.89
C MET A 187 3.79 10.19 -10.84
N GLN A 188 4.82 9.97 -10.01
CA GLN A 188 4.74 8.98 -8.94
C GLN A 188 3.56 9.28 -8.03
N MET A 189 3.47 10.52 -7.57
CA MET A 189 2.38 10.91 -6.68
C MET A 189 1.02 10.86 -7.35
N LEU A 190 0.94 11.30 -8.60
CA LEU A 190 -0.32 11.29 -9.32
C LEU A 190 -0.82 9.86 -9.53
N PHE A 191 0.06 8.97 -9.96
CA PHE A 191 -0.35 7.58 -10.16
C PHE A 191 -0.95 7.02 -8.88
N ALA A 192 -0.28 7.27 -7.75
CA ALA A 192 -0.76 6.79 -6.46
C ALA A 192 -2.15 7.35 -6.18
N GLU A 193 -2.34 8.64 -6.43
CA GLU A 193 -3.62 9.29 -6.20
C GLU A 193 -4.70 8.74 -7.13
N LYS A 194 -4.29 8.23 -8.30
CA LYS A 194 -5.24 7.72 -9.27
C LYS A 194 -5.62 6.25 -9.07
N ILE A 195 -5.06 5.60 -8.06
CA ILE A 195 -5.40 4.21 -7.83
C ILE A 195 -6.89 4.12 -7.50
N GLU A 196 -7.44 5.17 -6.88
CA GLU A 196 -8.86 5.20 -6.55
C GLU A 196 -9.71 5.01 -7.79
N ASP A 197 -9.27 5.59 -8.90
CA ASP A 197 -9.99 5.47 -10.17
C ASP A 197 -10.07 4.02 -10.62
N LEU A 198 -8.97 3.28 -10.47
CA LEU A 198 -8.94 1.88 -10.86
C LEU A 198 -9.96 1.12 -10.03
N ILE A 199 -10.04 1.45 -8.74
CA ILE A 199 -10.98 0.80 -7.83
C ILE A 199 -12.40 1.07 -8.33
N GLN A 200 -12.70 2.35 -8.58
CA GLN A 200 -14.01 2.77 -9.05
C GLN A 200 -14.39 2.07 -10.35
N GLU A 201 -13.39 1.75 -11.17
CA GLU A 201 -13.64 1.09 -12.45
C GLU A 201 -13.90 -0.40 -12.29
N GLY A 202 -13.92 -0.88 -11.04
CA GLY A 202 -14.19 -2.28 -10.79
C GLY A 202 -13.00 -3.18 -10.50
N ASN A 203 -11.82 -2.59 -10.37
CA ASN A 203 -10.62 -3.38 -10.08
C ASN A 203 -10.37 -3.50 -8.59
N ASN A 204 -10.36 -4.73 -8.08
CA ASN A 204 -10.14 -4.95 -6.65
C ASN A 204 -8.66 -4.82 -6.29
N ILE A 205 -8.17 -3.58 -6.23
CA ILE A 205 -6.77 -3.35 -5.90
C ILE A 205 -6.53 -3.76 -4.46
N LYS A 206 -5.67 -4.77 -4.28
CA LYS A 206 -5.36 -5.27 -2.94
C LYS A 206 -3.88 -5.18 -2.59
N LEU A 207 -3.07 -4.81 -3.56
CA LEU A 207 -1.63 -4.66 -3.34
C LEU A 207 -1.12 -3.45 -4.12
N VAL A 208 -0.39 -2.59 -3.44
CA VAL A 208 0.18 -1.40 -4.08
C VAL A 208 1.67 -1.38 -3.79
N VAL A 209 2.46 -1.31 -4.85
CA VAL A 209 3.91 -1.30 -4.73
C VAL A 209 4.49 0.00 -5.25
N ILE A 210 5.42 0.58 -4.47
CA ILE A 210 6.08 1.80 -4.90
C ILE A 210 7.58 1.47 -4.88
N ASP A 211 8.16 1.32 -6.07
CA ASP A 211 9.58 0.98 -6.18
C ASP A 211 10.19 1.91 -7.22
N SER A 212 10.95 2.93 -6.80
CA SER A 212 11.30 3.25 -5.42
C SER A 212 10.49 4.43 -4.84
N LEU A 213 10.38 4.47 -3.51
CA LEU A 213 9.63 5.51 -2.84
C LEU A 213 10.33 6.88 -2.86
N THR A 214 11.64 6.86 -2.64
CA THR A 214 12.41 8.10 -2.53
C THR A 214 13.40 8.51 -3.62
N SER A 215 13.71 7.61 -4.55
CA SER A 215 14.68 7.97 -5.59
C SER A 215 14.34 9.24 -6.37
N THR A 216 13.08 9.41 -6.76
CA THR A 216 12.69 10.61 -7.51
C THR A 216 12.87 11.86 -6.67
N PHE A 217 12.31 11.86 -5.47
CA PHE A 217 12.41 13.01 -4.57
C PHE A 217 13.86 13.40 -4.28
N ARG A 218 14.71 12.41 -4.00
CA ARG A 218 16.10 12.70 -3.68
C ARG A 218 16.82 13.36 -4.85
N ASN A 219 16.43 13.02 -6.08
CA ASN A 219 17.07 13.61 -7.25
C ASN A 219 16.54 14.99 -7.60
N GLU A 220 15.28 15.26 -7.28
CA GLU A 220 14.65 16.54 -7.60
C GLU A 220 14.88 17.65 -6.59
N TYR A 221 15.13 17.28 -5.34
CA TYR A 221 15.35 18.25 -4.27
C TYR A 221 16.68 17.94 -3.59
N THR A 222 17.78 18.25 -4.27
CA THR A 222 19.11 17.98 -3.75
C THR A 222 19.56 19.02 -2.72
N GLY A 223 19.40 20.30 -3.07
CA GLY A 223 19.80 21.35 -2.16
C GLY A 223 19.21 21.18 -0.77
N ARG A 224 20.07 21.04 0.23
CA ARG A 224 19.62 20.87 1.61
C ARG A 224 18.97 22.16 2.10
N GLY A 225 18.88 23.14 1.20
CA GLY A 225 18.25 24.41 1.53
C GLY A 225 16.88 24.39 0.87
N LYS A 226 16.43 23.20 0.50
CA LYS A 226 15.15 22.99 -0.15
C LYS A 226 14.56 21.69 0.41
N LEU A 227 15.21 21.17 1.45
CA LEU A 227 14.81 19.93 2.10
C LEU A 227 13.37 19.97 2.62
N ALA A 228 12.95 21.12 3.13
CA ALA A 228 11.59 21.28 3.64
C ALA A 228 10.60 21.01 2.53
N GLU A 229 10.91 21.54 1.35
CA GLU A 229 10.08 21.38 0.16
C GLU A 229 9.90 19.89 -0.13
N ARG A 230 11.00 19.14 -0.04
CA ARG A 230 10.97 17.71 -0.29
C ARG A 230 10.17 16.94 0.74
N GLN A 231 10.45 17.19 2.02
CA GLN A 231 9.73 16.49 3.09
C GLN A 231 8.23 16.72 3.05
N GLN A 232 7.81 17.91 2.63
CA GLN A 232 6.39 18.22 2.55
C GLN A 232 5.70 17.37 1.49
N LYS A 233 6.31 17.31 0.31
CA LYS A 233 5.76 16.56 -0.81
C LYS A 233 5.76 15.08 -0.47
N LEU A 234 6.85 14.62 0.13
CA LEU A 234 7.00 13.23 0.53
C LEU A 234 5.92 12.90 1.56
N GLY A 235 5.63 13.86 2.43
CA GLY A 235 4.61 13.66 3.46
C GLY A 235 3.21 13.48 2.88
N ARG A 236 2.88 14.29 1.86
CA ARG A 236 1.57 14.19 1.21
C ARG A 236 1.46 12.85 0.50
N HIS A 237 2.55 12.41 -0.12
CA HIS A 237 2.56 11.13 -0.83
C HIS A 237 2.30 9.99 0.14
N MET A 238 3.01 10.01 1.27
CA MET A 238 2.87 8.98 2.29
C MET A 238 1.46 8.96 2.87
N ALA A 239 0.88 10.14 3.04
CA ALA A 239 -0.46 10.26 3.58
C ALA A 239 -1.45 9.60 2.61
N THR A 240 -1.23 9.81 1.32
CA THR A 240 -2.10 9.22 0.31
C THR A 240 -1.97 7.69 0.37
N LEU A 241 -0.76 7.20 0.52
CA LEU A 241 -0.53 5.76 0.59
C LEU A 241 -1.18 5.15 1.82
N ASN A 242 -1.05 5.81 2.97
CA ASN A 242 -1.66 5.28 4.19
C ASN A 242 -3.18 5.27 4.12
N LYS A 243 -3.77 6.36 3.62
CA LYS A 243 -5.23 6.41 3.53
C LYS A 243 -5.71 5.35 2.55
N LEU A 244 -4.96 5.17 1.47
CA LEU A 244 -5.25 4.20 0.42
C LEU A 244 -5.31 2.79 1.03
N ALA A 245 -4.30 2.47 1.84
CA ALA A 245 -4.22 1.16 2.49
C ALA A 245 -5.42 0.91 3.40
N ASP A 246 -5.85 1.92 4.13
CA ASP A 246 -6.98 1.78 5.04
C ASP A 246 -8.34 1.72 4.37
N LEU A 247 -8.59 2.66 3.47
CA LEU A 247 -9.87 2.71 2.78
C LEU A 247 -10.15 1.53 1.86
N PHE A 248 -9.10 0.99 1.24
CA PHE A 248 -9.30 -0.13 0.33
C PHE A 248 -8.77 -1.46 0.87
N ASN A 249 -8.51 -1.48 2.18
CA ASN A 249 -8.00 -2.68 2.85
C ASN A 249 -6.97 -3.41 1.99
N CYS A 250 -5.89 -2.73 1.62
CA CYS A 250 -4.89 -3.39 0.81
C CYS A 250 -3.51 -3.19 1.40
N VAL A 251 -2.56 -4.02 1.00
CA VAL A 251 -1.23 -3.85 1.55
C VAL A 251 -0.47 -2.93 0.62
N VAL A 252 0.28 -2.02 1.22
CA VAL A 252 1.08 -1.08 0.47
C VAL A 252 2.53 -1.37 0.82
N LEU A 253 3.34 -1.61 -0.20
CA LEU A 253 4.75 -1.90 -0.02
C LEU A 253 5.56 -0.82 -0.72
N VAL A 254 6.66 -0.42 -0.10
CA VAL A 254 7.52 0.58 -0.70
C VAL A 254 8.97 0.15 -0.49
N THR A 255 9.82 0.44 -1.47
CA THR A 255 11.24 0.13 -1.35
C THR A 255 11.93 1.45 -1.09
N ASN A 256 13.11 1.41 -0.47
CA ASN A 256 13.84 2.63 -0.16
C ASN A 256 15.33 2.38 -0.30
N GLN A 257 16.07 3.39 -0.73
CA GLN A 257 17.51 3.25 -0.89
C GLN A 257 18.17 3.63 0.44
N VAL A 258 19.48 3.43 0.53
CA VAL A 258 20.20 3.76 1.76
C VAL A 258 21.43 4.61 1.51
N SER A 259 21.86 5.33 2.55
CA SER A 259 23.04 6.18 2.50
C SER A 259 23.92 5.84 3.70
N ALA A 260 25.19 6.21 3.63
CA ALA A 260 26.12 5.92 4.73
C ALA A 260 25.86 6.81 5.95
N LYS A 261 26.44 6.39 7.08
CA LYS A 261 26.30 7.12 8.34
C LYS A 261 24.83 7.34 8.70
N ALA A 269 25.26 1.13 10.29
CA ALA A 269 26.01 2.07 9.46
C ALA A 269 25.10 2.78 8.47
N GLU A 270 24.33 2.00 7.72
CA GLU A 270 23.41 2.57 6.74
C GLU A 270 22.05 2.92 7.33
N GLN A 271 21.38 3.86 6.67
CA GLN A 271 20.07 4.30 7.09
C GLN A 271 19.24 4.56 5.84
N ALA A 272 17.96 4.22 5.91
CA ALA A 272 17.07 4.44 4.77
C ALA A 272 16.97 5.95 4.56
N ILE A 273 16.88 6.38 3.31
CA ILE A 273 16.78 7.81 3.05
C ILE A 273 15.33 8.25 3.18
N GLY A 274 15.09 9.55 3.05
CA GLY A 274 13.73 10.06 3.17
C GLY A 274 13.44 10.84 4.43
N GLY A 275 14.42 10.88 5.33
CA GLY A 275 14.25 11.62 6.57
C GLY A 275 13.18 11.14 7.54
N HIS A 276 12.82 12.02 8.46
CA HIS A 276 11.82 11.73 9.48
C HIS A 276 10.43 11.38 8.97
N ILE A 277 9.95 12.13 7.98
CA ILE A 277 8.60 11.88 7.46
C ILE A 277 8.38 10.44 7.03
N VAL A 278 9.32 9.88 6.28
CA VAL A 278 9.20 8.50 5.82
C VAL A 278 9.19 7.57 7.02
N GLY A 279 10.11 7.80 7.95
CA GLY A 279 10.17 6.98 9.13
C GLY A 279 8.84 6.98 9.88
N HIS A 280 8.27 8.16 10.10
CA HIS A 280 7.00 8.26 10.81
C HIS A 280 5.86 7.58 10.04
N ALA A 281 5.71 7.94 8.77
CA ALA A 281 4.63 7.42 7.93
C ALA A 281 4.66 5.90 7.67
N ALA A 282 5.84 5.32 7.51
CA ALA A 282 5.93 3.88 7.29
C ALA A 282 5.39 3.18 8.54
N THR A 283 4.71 2.05 8.36
CA THR A 283 4.19 1.31 9.51
C THR A 283 5.25 0.32 9.97
N PHE A 284 5.75 -0.48 9.03
CA PHE A 284 6.78 -1.47 9.30
C PHE A 284 8.02 -1.05 8.52
N ARG A 285 9.20 -1.16 9.14
CA ARG A 285 10.44 -0.79 8.46
C ARG A 285 11.43 -1.95 8.51
N PHE A 286 11.99 -2.28 7.35
CA PHE A 286 12.96 -3.36 7.23
C PHE A 286 14.25 -2.86 6.58
N PHE A 287 15.34 -3.53 6.92
CA PHE A 287 16.64 -3.29 6.32
C PHE A 287 16.94 -4.66 5.74
N VAL A 288 17.17 -4.76 4.44
CA VAL A 288 17.49 -6.05 3.85
C VAL A 288 19.00 -6.08 3.59
N ARG A 289 19.68 -7.08 4.15
CA ARG A 289 21.13 -7.21 3.98
C ARG A 289 21.46 -8.45 3.15
N LYS A 290 22.66 -8.46 2.59
CA LYS A 290 23.10 -9.60 1.79
C LYS A 290 24.04 -10.51 2.56
N GLY A 291 23.75 -11.81 2.51
CA GLY A 291 24.59 -12.78 3.19
C GLY A 291 25.44 -13.44 2.12
N LYS A 292 25.88 -14.67 2.36
CA LYS A 292 26.70 -15.38 1.39
C LYS A 292 25.87 -15.85 0.20
N GLY A 293 26.35 -15.56 -1.00
CA GLY A 293 25.65 -15.96 -2.21
C GLY A 293 24.25 -15.40 -2.34
N ASP A 294 23.26 -16.28 -2.41
CA ASP A 294 21.87 -15.85 -2.55
C ASP A 294 21.16 -15.66 -1.22
N LYS A 295 21.89 -15.81 -0.12
CA LYS A 295 21.31 -15.63 1.21
C LYS A 295 21.07 -14.16 1.51
N ARG A 296 19.96 -13.89 2.18
CA ARG A 296 19.59 -12.53 2.54
C ARG A 296 19.07 -12.50 3.97
N VAL A 297 19.15 -11.34 4.60
CA VAL A 297 18.65 -11.17 5.96
C VAL A 297 17.74 -9.94 6.00
N ALA A 298 16.47 -10.16 6.30
CA ALA A 298 15.51 -9.06 6.41
C ALA A 298 15.41 -8.74 7.89
N LYS A 299 15.85 -7.55 8.26
CA LYS A 299 15.82 -7.12 9.65
C LYS A 299 14.68 -6.14 9.90
N LEU A 300 13.68 -6.57 10.67
CA LEU A 300 12.56 -5.70 11.01
C LEU A 300 13.06 -4.84 12.16
N TYR A 301 13.15 -3.53 11.96
CA TYR A 301 13.62 -2.68 13.06
C TYR A 301 12.57 -1.72 13.62
N ASP A 302 11.39 -1.67 13.00
CA ASP A 302 10.32 -0.85 13.56
C ASP A 302 8.96 -1.34 13.11
N SER A 303 8.03 -1.34 14.07
CA SER A 303 6.66 -1.76 13.85
C SER A 303 5.94 -1.35 15.13
N PRO A 304 4.61 -1.26 15.09
CA PRO A 304 3.91 -0.87 16.31
C PRO A 304 3.66 -1.97 17.34
N HIS A 305 3.75 -3.23 16.93
CA HIS A 305 3.46 -4.31 17.87
C HIS A 305 4.35 -5.54 17.82
N LEU A 306 5.35 -5.55 16.94
CA LEU A 306 6.22 -6.70 16.81
C LEU A 306 7.64 -6.39 17.28
N PRO A 307 8.31 -7.37 17.87
CA PRO A 307 9.68 -7.17 18.34
C PRO A 307 10.62 -7.10 17.15
N ASP A 308 11.69 -6.32 17.28
CA ASP A 308 12.68 -6.22 16.21
C ASP A 308 13.17 -7.64 16.03
N ALA A 309 13.36 -8.07 14.78
CA ALA A 309 13.81 -9.43 14.53
C ALA A 309 14.41 -9.60 13.15
N GLU A 310 15.15 -10.68 12.94
CA GLU A 310 15.77 -10.95 11.66
C GLU A 310 15.24 -12.24 11.05
N ALA A 311 15.05 -12.21 9.73
CA ALA A 311 14.56 -13.37 8.99
C ALA A 311 15.53 -13.67 7.87
N ILE A 312 16.02 -14.89 7.83
CA ILE A 312 16.95 -15.31 6.80
C ILE A 312 16.16 -15.93 5.64
N PHE A 313 16.50 -15.54 4.42
CA PHE A 313 15.83 -16.09 3.25
C PHE A 313 16.79 -16.10 2.08
N ARG A 314 16.31 -16.54 0.92
CA ARG A 314 17.16 -16.59 -0.26
C ARG A 314 16.43 -16.03 -1.47
N ILE A 315 17.20 -15.61 -2.46
CA ILE A 315 16.65 -15.12 -3.72
C ILE A 315 17.25 -16.02 -4.79
N THR A 316 16.39 -16.79 -5.44
CA THR A 316 16.84 -17.74 -6.47
C THR A 316 16.02 -17.55 -7.74
N GLU A 317 16.21 -18.43 -8.72
CA GLU A 317 15.44 -18.32 -9.96
C GLU A 317 13.96 -18.47 -9.64
N LYS A 318 13.65 -19.09 -8.50
CA LYS A 318 12.27 -19.28 -8.11
C LYS A 318 11.68 -18.05 -7.43
N GLY A 319 12.55 -17.09 -7.12
CA GLY A 319 12.11 -15.89 -6.44
C GLY A 319 12.52 -15.94 -4.99
N ILE A 320 11.64 -15.47 -4.10
CA ILE A 320 11.95 -15.50 -2.67
C ILE A 320 11.64 -16.88 -2.11
N GLN A 321 12.57 -17.47 -1.37
CA GLN A 321 12.30 -18.79 -0.82
C GLN A 321 12.98 -19.02 0.52
N ASP A 322 12.54 -20.10 1.18
CA ASP A 322 13.00 -20.56 2.50
C ASP A 322 12.04 -20.20 3.63
MG MG B . 15.58 -2.34 -7.28
CA CA C . -3.24 2.05 8.40
CA CA D . 20.66 -0.81 -9.27
CA CA E . 23.46 -10.73 -6.96
NA NA F . 5.84 -24.68 -12.45
PG ANP G . 18.52 -1.67 -6.47
O1G ANP G . 18.25 -0.90 -5.30
O2G ANP G . 17.39 -1.52 -7.43
O3G ANP G . 19.79 -1.15 -6.96
PB ANP G . 17.61 -4.20 -5.42
O1B ANP G . 16.25 -3.68 -5.74
O2B ANP G . 17.67 -4.22 -3.97
N3B ANP G . 18.75 -3.22 -5.90
PA ANP G . 16.92 -6.64 -6.71
O1A ANP G . 15.58 -6.73 -5.98
O2A ANP G . 16.76 -6.14 -8.08
O3A ANP G . 17.94 -5.69 -5.92
O5' ANP G . 17.60 -8.15 -6.73
C5' ANP G . 18.95 -8.37 -7.37
C4' ANP G . 19.35 -9.62 -7.11
O4' ANP G . 18.29 -10.53 -7.52
C3' ANP G . 20.51 -9.96 -8.08
O3' ANP G . 21.70 -9.30 -7.85
C2' ANP G . 20.36 -11.49 -8.38
O2' ANP G . 21.24 -12.20 -7.36
C1' ANP G . 18.88 -11.76 -8.03
N9 ANP G . 18.19 -12.13 -9.15
C8 ANP G . 17.52 -11.28 -10.04
N7 ANP G . 16.97 -11.97 -10.98
C5 ANP G . 17.25 -13.28 -10.77
C6 ANP G . 16.93 -14.46 -11.45
N6 ANP G . 16.18 -14.41 -12.59
N1 ANP G . 17.39 -15.69 -10.94
C2 ANP G . 18.17 -15.74 -9.75
N3 ANP G . 18.50 -14.61 -9.06
C4 ANP G . 18.01 -13.40 -9.62
#